data_6A23
#
_entry.id   6A23
#
_cell.length_a   137.843
_cell.length_b   137.843
_cell.length_c   111.840
_cell.angle_alpha   90.00
_cell.angle_beta   90.00
_cell.angle_gamma   90.00
#
_symmetry.space_group_name_H-M   'I 4 2 2'
#
loop_
_entity.id
_entity.type
_entity.pdbx_description
1 polymer '4-hydroxymandelate oxidase'
2 non-polymer 1-[5-(benzenecarbonyl)-7,8-dimethyl-2,4-dioxo-1,3,4,5-tetrahydrobenzo[g]pteridin-10(2H)-yl]-1-deoxy-5-O-phosphono-D-ribitol
3 non-polymer 'MAGNESIUM ION'
4 non-polymer 'BENZOYL-FORMIC ACID'
5 water water
#
_entity_poly.entity_id   1
_entity_poly.type   'polypeptide(L)'
_entity_poly.pdbx_seq_one_letter_code
;MGSSHHHHHHSSGLVPRGSHMTYVSLADLERAARDVLPGEIFDFLAGGSGTEASLVANRTALERVFVIPRMLRDLTDVTT
EIDIFGRRAALPMAVAPVAYQRLFHPEGELAVARAARDAGVPYTICTLSSVSLEEIAAVGGRPWFQLFWLRDEKRSLDLV
RRAEDAGCEAIVFTVDVPWMGRRLRDMRNGFALPEWVTAANFDAGTAAHRRTQGVSAVADHTAREFAPATWESVEAVRAH
TDLPVVLKGILAVEDARRAVDAGAGGIVVSNHGGRQLDGAVPGIEMLGEIVAAVSGGCEVLVDGGIRSGGDVLKATALGA
SAVLVGRPVMWALAAAGQDGVRQLLELLAEEVRDAMGLAGCESVGAARRLNTKLGVV
;
_entity_poly.pdbx_strand_id   A
#
# COMPACT_ATOMS: atom_id res chain seq x y z
N TYR A 23 9.92 20.19 -3.22
CA TYR A 23 8.55 19.70 -2.89
C TYR A 23 8.32 19.79 -1.37
N VAL A 24 7.24 20.43 -0.94
CA VAL A 24 6.94 20.56 0.51
C VAL A 24 5.66 19.79 0.95
N SER A 25 4.95 19.22 -0.04
CA SER A 25 3.78 18.33 0.16
C SER A 25 3.71 17.32 -1.02
N LEU A 26 3.00 16.23 -0.76
CA LEU A 26 2.81 15.21 -1.81
C LEU A 26 2.06 15.77 -2.96
N ALA A 27 1.26 16.81 -2.71
CA ALA A 27 0.47 17.44 -3.79
C ALA A 27 1.30 18.17 -4.83
N ASP A 28 2.45 18.71 -4.43
CA ASP A 28 3.40 19.28 -5.42
C ASP A 28 3.75 18.23 -6.51
N LEU A 29 3.94 16.99 -6.09
CA LEU A 29 4.35 15.94 -7.05
C LEU A 29 3.19 15.57 -8.01
N GLU A 30 1.93 15.61 -7.56
CA GLU A 30 0.84 15.27 -8.48
C GLU A 30 0.85 16.25 -9.63
N ARG A 31 1.04 17.54 -9.32
CA ARG A 31 0.98 18.58 -10.37
C ARG A 31 2.09 18.29 -11.35
N ALA A 32 3.27 17.99 -10.82
CA ALA A 32 4.43 17.71 -11.67
C ALA A 32 4.20 16.47 -12.54
N ALA A 33 3.57 15.40 -12.00
CA ALA A 33 3.26 14.22 -12.82
C ALA A 33 2.22 14.50 -13.91
N ARG A 34 1.23 15.33 -13.61
CA ARG A 34 0.21 15.68 -14.60
CA ARG A 34 0.21 15.67 -14.61
C ARG A 34 0.85 16.39 -15.80
N ASP A 35 1.78 17.32 -15.51
CA ASP A 35 2.53 18.02 -16.62
C ASP A 35 3.22 17.03 -17.55
N VAL A 36 3.96 16.08 -16.98
CA VAL A 36 4.78 15.20 -17.82
C VAL A 36 4.08 14.02 -18.49
N LEU A 37 3.11 13.36 -17.83
CA LEU A 37 2.57 12.12 -18.38
C LEU A 37 1.56 12.36 -19.51
N PRO A 38 1.53 11.50 -20.50
CA PRO A 38 0.41 11.55 -21.40
C PRO A 38 -0.93 11.42 -20.62
N GLY A 39 -1.94 12.13 -21.06
CA GLY A 39 -3.22 12.14 -20.37
C GLY A 39 -3.82 10.77 -20.08
N GLU A 40 -3.75 9.86 -21.02
CA GLU A 40 -4.35 8.57 -20.83
C GLU A 40 -3.61 7.75 -19.74
N ILE A 41 -2.30 7.98 -19.61
CA ILE A 41 -1.52 7.32 -18.57
C ILE A 41 -1.82 7.96 -17.21
N PHE A 42 -1.88 9.28 -17.14
CA PHE A 42 -2.26 9.95 -15.91
C PHE A 42 -3.65 9.44 -15.47
N ASP A 43 -4.58 9.27 -16.42
CA ASP A 43 -5.91 8.76 -16.07
C ASP A 43 -5.92 7.32 -15.59
N PHE A 44 -5.11 6.44 -16.19
CA PHE A 44 -4.96 5.09 -15.73
C PHE A 44 -4.51 5.10 -14.24
N LEU A 45 -3.56 5.99 -13.94
CA LEU A 45 -3.04 6.15 -12.58
C LEU A 45 -4.06 6.75 -11.60
N ALA A 46 -4.71 7.84 -11.98
CA ALA A 46 -5.55 8.60 -11.09
C ALA A 46 -6.92 7.97 -10.84
N GLY A 47 -7.43 7.31 -11.87
CA GLY A 47 -8.85 6.97 -11.91
C GLY A 47 -9.26 5.87 -10.95
N GLY A 48 -10.58 5.79 -10.82
CA GLY A 48 -11.23 4.72 -10.07
C GLY A 48 -12.28 4.06 -10.91
N SER A 49 -12.99 3.12 -10.33
CA SER A 49 -14.08 2.46 -11.01
C SER A 49 -15.37 3.25 -10.91
N GLY A 50 -16.29 2.92 -11.81
CA GLY A 50 -17.60 3.52 -11.75
C GLY A 50 -17.64 5.03 -11.73
N THR A 51 -18.39 5.57 -10.78
CA THR A 51 -18.48 7.02 -10.58
C THR A 51 -17.36 7.63 -9.71
N GLU A 52 -16.40 6.79 -9.30
CA GLU A 52 -15.27 7.15 -8.48
C GLU A 52 -15.74 7.56 -7.11
N ALA A 53 -16.87 7.03 -6.66
CA ALA A 53 -17.34 7.34 -5.32
C ALA A 53 -16.40 6.81 -4.22
N SER A 54 -15.81 5.63 -4.41
CA SER A 54 -14.93 5.05 -3.39
C SER A 54 -13.59 5.76 -3.41
N LEU A 55 -13.15 6.19 -4.59
CA LEU A 55 -11.90 6.95 -4.74
C LEU A 55 -11.97 8.24 -3.93
N VAL A 56 -13.06 8.97 -4.10
CA VAL A 56 -13.29 10.24 -3.37
C VAL A 56 -13.46 9.95 -1.86
N ALA A 57 -14.21 8.87 -1.52
CA ALA A 57 -14.47 8.57 -0.11
C ALA A 57 -13.21 8.23 0.66
N ASN A 58 -12.22 7.66 0.00
CA ASN A 58 -10.92 7.42 0.68
C ASN A 58 -10.36 8.71 1.25
N ARG A 59 -10.44 9.79 0.48
CA ARG A 59 -9.96 11.07 0.96
C ARG A 59 -10.86 11.69 1.97
N THR A 60 -12.17 11.67 1.70
N THR A 60 -12.17 11.68 1.70
CA THR A 60 -13.17 12.22 2.64
CA THR A 60 -13.08 12.32 2.66
C THR A 60 -13.04 11.59 4.00
C THR A 60 -13.15 11.58 3.99
N ALA A 61 -12.90 10.26 4.01
CA ALA A 61 -12.84 9.53 5.27
C ALA A 61 -11.65 9.98 6.12
N LEU A 62 -10.47 10.17 5.51
CA LEU A 62 -9.30 10.62 6.25
C LEU A 62 -9.45 12.05 6.72
N GLU A 63 -10.08 12.88 5.92
CA GLU A 63 -10.26 14.29 6.29
C GLU A 63 -11.21 14.46 7.46
N ARG A 64 -12.08 13.50 7.72
CA ARG A 64 -13.01 13.59 8.82
C ARG A 64 -12.38 13.18 10.12
N VAL A 65 -11.22 12.55 10.10
CA VAL A 65 -10.59 12.02 11.32
C VAL A 65 -9.70 13.11 11.92
N PHE A 66 -9.86 13.39 13.21
CA PHE A 66 -8.95 14.32 13.89
C PHE A 66 -8.25 13.57 14.96
N VAL A 67 -6.98 13.89 15.17
CA VAL A 67 -6.23 13.25 16.24
C VAL A 67 -6.28 14.08 17.53
N ILE A 68 -6.29 13.42 18.67
CA ILE A 68 -6.20 14.07 19.96
C ILE A 68 -4.75 13.92 20.43
N PRO A 69 -3.89 14.95 20.20
CA PRO A 69 -2.48 14.78 20.57
C PRO A 69 -2.22 14.80 22.06
N ARG A 70 -1.13 14.20 22.51
CA ARG A 70 -0.70 14.26 23.88
C ARG A 70 0.49 15.19 23.99
N MET A 71 0.61 15.83 25.14
CA MET A 71 1.65 16.82 25.38
C MET A 71 2.62 16.37 26.46
N LEU A 72 3.81 16.97 26.44
CA LEU A 72 4.74 16.98 27.58
C LEU A 72 5.35 15.61 27.83
N ARG A 73 5.40 14.79 26.79
CA ARG A 73 6.03 13.47 26.87
CA ARG A 73 6.02 13.47 26.93
C ARG A 73 7.48 13.53 26.43
N ASP A 74 8.28 12.59 26.87
CA ASP A 74 9.69 12.59 26.47
C ASP A 74 9.83 12.27 25.00
N LEU A 75 10.50 13.13 24.27
CA LEU A 75 10.71 12.97 22.87
C LEU A 75 12.21 12.95 22.58
N THR A 76 13.01 12.54 23.53
CA THR A 76 14.47 12.59 23.31
C THR A 76 14.94 11.65 22.22
N ASP A 77 14.30 10.50 22.05
CA ASP A 77 14.66 9.72 20.81
C ASP A 77 13.41 9.20 20.11
N VAL A 78 12.74 10.13 19.47
CA VAL A 78 11.59 9.81 18.65
C VAL A 78 12.11 8.89 17.53
N THR A 79 11.43 7.77 17.33
CA THR A 79 11.76 6.85 16.24
C THR A 79 10.49 6.53 15.46
N THR A 80 10.60 6.57 14.16
CA THR A 80 9.48 6.16 13.30
C THR A 80 9.59 4.69 12.84
N GLU A 81 10.55 3.94 13.36
CA GLU A 81 10.76 2.55 12.92
C GLU A 81 9.72 1.59 13.43
N ILE A 82 9.49 0.54 12.66
CA ILE A 82 8.68 -0.53 13.13
C ILE A 82 9.38 -1.86 12.80
N ASP A 83 8.99 -2.91 13.49
CA ASP A 83 9.32 -4.30 13.06
C ASP A 83 8.10 -4.91 12.44
N ILE A 84 8.25 -5.42 11.24
CA ILE A 84 7.11 -6.05 10.58
C ILE A 84 7.57 -7.21 9.71
N PHE A 85 6.90 -8.36 9.85
CA PHE A 85 7.20 -9.55 8.97
C PHE A 85 8.68 -9.86 9.07
N GLY A 86 9.19 -9.73 10.29
CA GLY A 86 10.56 -10.09 10.59
C GLY A 86 11.65 -9.10 10.19
N ARG A 87 11.31 -7.90 9.76
CA ARG A 87 12.35 -6.90 9.40
C ARG A 87 12.03 -5.58 10.05
N ARG A 88 13.07 -4.82 10.29
CA ARG A 88 12.93 -3.43 10.69
C ARG A 88 12.58 -2.61 9.46
N ALA A 89 11.58 -1.74 9.54
CA ALA A 89 11.34 -0.77 8.46
C ALA A 89 11.54 0.62 9.05
N ALA A 90 11.96 1.58 8.21
CA ALA A 90 12.30 2.93 8.71
C ALA A 90 11.09 3.79 9.07
N LEU A 91 9.95 3.45 8.47
CA LEU A 91 8.68 4.15 8.65
C LEU A 91 7.58 3.09 8.72
N PRO A 92 6.43 3.40 9.29
CA PRO A 92 5.29 2.46 9.23
C PRO A 92 4.59 2.57 7.89
N MET A 93 5.31 2.23 6.84
CA MET A 93 4.88 2.47 5.46
CA MET A 93 4.80 2.38 5.48
C MET A 93 5.57 1.53 4.51
N ALA A 94 4.87 1.05 3.49
CA ALA A 94 5.47 0.33 2.38
C ALA A 94 4.92 0.90 1.08
N VAL A 95 5.66 0.71 -0.02
CA VAL A 95 5.14 1.04 -1.32
C VAL A 95 4.11 0.01 -1.78
N ALA A 96 2.90 0.50 -2.15
CA ALA A 96 1.83 -0.40 -2.56
C ALA A 96 2.17 -1.09 -3.91
N PRO A 97 1.62 -2.28 -4.13
CA PRO A 97 1.72 -2.90 -5.49
C PRO A 97 0.99 -2.07 -6.53
N VAL A 98 1.72 -1.54 -7.53
CA VAL A 98 1.15 -0.84 -8.66
C VAL A 98 1.74 -1.48 -9.92
N ALA A 99 0.90 -2.09 -10.72
CA ALA A 99 1.37 -2.80 -11.93
C ALA A 99 2.01 -1.84 -12.94
N TYR A 100 2.93 -2.38 -13.74
CA TYR A 100 3.36 -1.70 -15.03
C TYR A 100 4.01 -0.34 -14.83
N GLN A 101 4.99 -0.29 -13.92
CA GLN A 101 5.54 1.00 -13.55
C GLN A 101 6.39 1.65 -14.67
N ARG A 102 6.78 0.87 -15.69
CA ARG A 102 7.38 1.52 -16.88
C ARG A 102 6.44 2.40 -17.63
N LEU A 103 5.13 2.32 -17.34
CA LEU A 103 4.25 3.31 -17.85
C LEU A 103 4.62 4.69 -17.47
N PHE A 104 5.23 4.86 -16.29
CA PHE A 104 5.41 6.17 -15.70
C PHE A 104 6.80 6.75 -15.87
N HIS A 105 7.77 5.89 -16.07
CA HIS A 105 9.17 6.30 -16.22
C HIS A 105 9.88 5.14 -16.85
N PRO A 106 10.91 5.42 -17.68
CA PRO A 106 11.61 4.28 -18.27
C PRO A 106 12.31 3.28 -17.33
N GLU A 107 12.78 3.71 -16.17
CA GLU A 107 13.36 2.80 -15.21
C GLU A 107 12.33 2.03 -14.38
N GLY A 108 11.10 2.49 -14.48
CA GLY A 108 9.98 1.71 -13.85
C GLY A 108 10.27 1.23 -12.46
N GLU A 109 10.02 -0.04 -12.26
CA GLU A 109 10.14 -0.66 -10.93
C GLU A 109 11.53 -0.57 -10.33
N LEU A 110 12.59 -0.56 -11.19
CA LEU A 110 13.91 -0.47 -10.61
C LEU A 110 14.16 0.84 -9.94
N ALA A 111 13.69 1.95 -10.49
CA ALA A 111 13.85 3.28 -9.89
C ALA A 111 13.14 3.31 -8.50
N VAL A 112 11.93 2.79 -8.51
CA VAL A 112 11.17 2.82 -7.24
C VAL A 112 11.79 1.93 -6.19
N ALA A 113 12.18 0.71 -6.54
CA ALA A 113 12.73 -0.25 -5.59
C ALA A 113 14.06 0.28 -5.01
N ARG A 114 14.87 0.90 -5.86
CA ARG A 114 16.14 1.48 -5.36
C ARG A 114 15.87 2.59 -4.32
N ALA A 115 14.97 3.50 -4.63
CA ALA A 115 14.63 4.58 -3.69
C ALA A 115 14.05 4.02 -2.38
N ALA A 116 13.17 3.00 -2.49
CA ALA A 116 12.61 2.37 -1.30
C ALA A 116 13.67 1.73 -0.47
N ARG A 117 14.59 0.98 -1.11
CA ARG A 117 15.69 0.37 -0.40
C ARG A 117 16.50 1.42 0.38
N ASP A 118 16.80 2.51 -0.30
CA ASP A 118 17.69 3.50 0.29
C ASP A 118 16.98 4.20 1.47
N ALA A 119 15.67 4.26 1.41
CA ALA A 119 14.84 4.88 2.48
C ALA A 119 14.51 3.92 3.59
N GLY A 120 14.77 2.63 3.39
CA GLY A 120 14.49 1.64 4.41
C GLY A 120 12.99 1.30 4.47
N VAL A 121 12.31 1.47 3.37
CA VAL A 121 10.86 1.23 3.20
CA VAL A 121 10.91 1.05 3.34
C VAL A 121 10.66 -0.06 2.38
N PRO A 122 9.79 -1.01 2.82
CA PRO A 122 9.47 -2.13 1.95
C PRO A 122 8.84 -1.73 0.63
N TYR A 123 9.27 -2.42 -0.42
CA TYR A 123 8.71 -2.26 -1.79
C TYR A 123 7.97 -3.54 -2.17
N THR A 124 6.73 -3.41 -2.65
CA THR A 124 5.96 -4.58 -3.08
C THR A 124 6.11 -4.80 -4.59
N ILE A 125 6.79 -5.88 -4.93
CA ILE A 125 6.95 -6.27 -6.33
C ILE A 125 5.64 -6.88 -6.84
N CYS A 126 5.15 -6.43 -7.96
CA CYS A 126 3.87 -6.91 -8.51
C CYS A 126 3.96 -8.12 -9.39
N THR A 127 2.93 -8.96 -9.31
CA THR A 127 2.76 -10.04 -10.32
C THR A 127 2.81 -9.45 -11.72
N LEU A 128 2.23 -8.29 -11.97
CA LEU A 128 2.18 -7.65 -13.29
C LEU A 128 3.24 -6.55 -13.37
N SER A 129 4.41 -6.83 -12.84
CA SER A 129 5.52 -5.88 -12.91
C SER A 129 6.04 -5.83 -14.39
N SER A 130 6.54 -4.67 -14.78
CA SER A 130 7.08 -4.44 -16.17
C SER A 130 8.59 -4.71 -16.21
N VAL A 131 9.16 -5.09 -15.09
CA VAL A 131 10.54 -5.65 -14.98
C VAL A 131 10.39 -6.91 -14.16
N SER A 132 11.17 -7.95 -14.45
CA SER A 132 11.00 -9.20 -13.82
C SER A 132 11.25 -9.13 -12.32
N LEU A 133 10.52 -9.95 -11.55
CA LEU A 133 10.64 -9.96 -10.10
C LEU A 133 12.05 -10.25 -9.63
N GLU A 134 12.78 -11.10 -10.38
CA GLU A 134 14.13 -11.38 -9.96
C GLU A 134 15.04 -10.17 -10.11
N GLU A 135 14.91 -9.42 -11.19
CA GLU A 135 15.68 -8.18 -11.33
C GLU A 135 15.36 -7.17 -10.23
N ILE A 136 14.06 -7.04 -9.90
CA ILE A 136 13.74 -6.06 -8.90
C ILE A 136 14.24 -6.50 -7.57
N ALA A 137 14.15 -7.80 -7.24
CA ALA A 137 14.61 -8.28 -5.97
C ALA A 137 16.14 -8.09 -5.83
N ALA A 138 16.82 -8.18 -6.98
CA ALA A 138 18.30 -8.00 -6.97
C ALA A 138 18.72 -6.63 -6.52
N VAL A 139 17.85 -5.64 -6.65
CA VAL A 139 18.13 -4.30 -6.13
C VAL A 139 18.47 -4.37 -4.63
N GLY A 140 17.90 -5.33 -3.91
CA GLY A 140 18.11 -5.46 -2.48
C GLY A 140 16.93 -4.88 -1.68
N GLY A 141 17.19 -4.44 -0.48
CA GLY A 141 16.13 -3.78 0.33
C GLY A 141 15.06 -4.71 0.86
N ARG A 142 15.37 -5.97 0.99
CA ARG A 142 14.28 -6.94 1.42
C ARG A 142 12.74 -6.62 1.00
N PRO A 143 12.41 -6.75 -0.29
CA PRO A 143 11.14 -6.59 -0.98
C PRO A 143 10.04 -7.62 -0.58
N TRP A 144 8.78 -7.23 -0.81
CA TRP A 144 7.64 -8.12 -0.68
C TRP A 144 7.15 -8.49 -2.06
N PHE A 145 6.32 -9.55 -2.22
CA PHE A 145 5.82 -9.92 -3.53
C PHE A 145 4.28 -9.97 -3.49
N GLN A 146 3.63 -9.29 -4.41
CA GLN A 146 2.18 -9.30 -4.54
C GLN A 146 1.76 -10.34 -5.56
N LEU A 147 0.86 -11.22 -5.13
CA LEU A 147 0.34 -12.31 -5.92
C LEU A 147 -1.07 -12.07 -6.43
N PHE A 148 -1.30 -12.27 -7.71
CA PHE A 148 -2.59 -12.56 -8.30
C PHE A 148 -2.69 -14.04 -8.59
N TRP A 149 -3.84 -14.62 -8.25
CA TRP A 149 -4.06 -16.05 -8.50
C TRP A 149 -4.18 -16.31 -10.01
N LEU A 150 -3.46 -17.34 -10.47
CA LEU A 150 -3.43 -17.68 -11.91
C LEU A 150 -4.48 -18.75 -12.29
N ARG A 151 -4.69 -18.94 -13.60
CA ARG A 151 -5.12 -20.22 -14.21
C ARG A 151 -5.25 -21.39 -13.29
N ASP A 152 -4.13 -21.64 -12.63
CA ASP A 152 -3.69 -22.92 -12.23
C ASP A 152 -3.14 -22.83 -10.79
N GLU A 153 -3.59 -23.67 -9.87
CA GLU A 153 -2.89 -23.75 -8.63
C GLU A 153 -1.32 -23.91 -8.87
N LYS A 154 -0.91 -24.75 -9.81
CA LYS A 154 0.54 -25.03 -10.00
C LYS A 154 1.35 -23.78 -10.42
N ARG A 155 0.83 -23.01 -11.35
CA ARG A 155 1.54 -21.86 -11.80
C ARG A 155 1.60 -20.73 -10.73
N SER A 156 0.52 -20.67 -9.93
CA SER A 156 0.44 -19.66 -8.87
C SER A 156 1.51 -19.97 -7.87
N LEU A 157 1.58 -21.23 -7.48
CA LEU A 157 2.51 -21.65 -6.52
C LEU A 157 3.96 -21.50 -7.04
N ASP A 158 4.17 -21.62 -8.36
CA ASP A 158 5.50 -21.36 -8.95
C ASP A 158 5.93 -19.90 -8.87
N LEU A 159 5.01 -18.94 -9.06
CA LEU A 159 5.28 -17.56 -8.83
C LEU A 159 5.70 -17.33 -7.39
N VAL A 160 4.96 -17.93 -6.45
CA VAL A 160 5.29 -17.78 -5.05
C VAL A 160 6.70 -18.30 -4.78
N ARG A 161 7.00 -19.49 -5.30
CA ARG A 161 8.34 -20.07 -5.07
C ARG A 161 9.41 -19.20 -5.74
N ARG A 162 9.17 -18.64 -6.92
CA ARG A 162 10.11 -17.73 -7.51
C ARG A 162 10.40 -16.57 -6.60
N ALA A 163 9.33 -16.01 -6.02
CA ALA A 163 9.50 -14.83 -5.22
C ALA A 163 10.29 -15.16 -3.99
N GLU A 164 10.00 -16.30 -3.38
CA GLU A 164 10.68 -16.70 -2.20
C GLU A 164 12.20 -16.98 -2.52
N ASP A 165 12.44 -17.71 -3.59
CA ASP A 165 13.84 -18.01 -4.05
C ASP A 165 14.61 -16.74 -4.31
N ALA A 166 13.92 -15.69 -4.79
CA ALA A 166 14.59 -14.37 -5.04
C ALA A 166 14.84 -13.52 -3.84
N GLY A 167 14.36 -13.96 -2.68
CA GLY A 167 14.51 -13.25 -1.41
C GLY A 167 13.40 -12.29 -1.01
N CYS A 168 12.21 -12.48 -1.59
CA CYS A 168 11.07 -11.67 -1.11
C CYS A 168 10.71 -12.16 0.29
N GLU A 169 10.21 -11.27 1.15
CA GLU A 169 10.03 -11.54 2.56
C GLU A 169 8.59 -11.73 3.01
N ALA A 170 7.65 -11.47 2.12
CA ALA A 170 6.23 -11.65 2.40
C ALA A 170 5.50 -11.83 1.12
N ILE A 171 4.37 -12.56 1.15
CA ILE A 171 3.53 -12.69 -0.03
C ILE A 171 2.25 -11.88 0.24
N VAL A 172 2.04 -10.83 -0.53
CA VAL A 172 0.87 -9.95 -0.43
C VAL A 172 -0.08 -10.52 -1.45
N PHE A 173 -1.03 -11.31 -1.00
CA PHE A 173 -2.02 -11.96 -1.87
C PHE A 173 -3.19 -11.00 -2.03
N THR A 174 -3.36 -10.47 -3.23
CA THR A 174 -4.44 -9.57 -3.49
C THR A 174 -5.72 -10.37 -3.66
N VAL A 175 -6.71 -10.06 -2.81
CA VAL A 175 -7.92 -10.90 -2.78
C VAL A 175 -9.19 -10.17 -3.17
N ASP A 176 -9.07 -8.95 -3.71
CA ASP A 176 -10.22 -8.13 -4.11
C ASP A 176 -10.40 -8.00 -5.59
N VAL A 177 -9.72 -8.89 -6.34
CA VAL A 177 -9.74 -8.80 -7.79
C VAL A 177 -10.10 -10.18 -8.35
N PRO A 178 -11.36 -10.60 -8.18
CA PRO A 178 -11.80 -11.79 -8.95
C PRO A 178 -11.72 -11.52 -10.40
N TRP A 179 -11.93 -10.27 -10.79
CA TRP A 179 -11.63 -9.67 -12.06
C TRP A 179 -11.42 -8.21 -11.87
N MET A 180 -10.88 -7.50 -12.87
CA MET A 180 -10.70 -6.07 -12.77
C MET A 180 -11.99 -5.26 -12.79
N GLY A 181 -12.10 -4.25 -11.93
CA GLY A 181 -13.16 -3.29 -11.97
C GLY A 181 -13.33 -2.51 -13.28
N ARG A 182 -14.46 -1.83 -13.41
N ARG A 182 -14.47 -1.83 -13.40
CA ARG A 182 -14.80 -1.10 -14.62
CA ARG A 182 -14.81 -1.06 -14.59
C ARG A 182 -14.28 0.33 -14.48
C ARG A 182 -14.27 0.36 -14.47
N ARG A 183 -13.14 0.61 -15.13
CA ARG A 183 -12.48 1.90 -15.01
CA ARG A 183 -12.45 1.88 -15.03
C ARG A 183 -12.89 2.78 -16.20
N LEU A 184 -13.84 3.66 -15.96
CA LEU A 184 -14.47 4.35 -17.07
C LEU A 184 -13.54 5.32 -17.79
N ARG A 185 -12.57 5.90 -17.07
CA ARG A 185 -11.61 6.76 -17.78
C ARG A 185 -10.87 5.94 -18.82
N ASP A 186 -10.49 4.71 -18.48
CA ASP A 186 -9.71 3.86 -19.37
C ASP A 186 -10.56 3.42 -20.57
N MET A 187 -11.82 3.08 -20.29
CA MET A 187 -12.75 2.73 -21.37
C MET A 187 -12.96 3.92 -22.30
N ARG A 188 -13.20 5.11 -21.74
CA ARG A 188 -13.43 6.27 -22.57
C ARG A 188 -12.20 6.61 -23.40
N ASN A 189 -11.02 6.40 -22.83
CA ASN A 189 -9.76 6.72 -23.50
C ASN A 189 -9.36 5.69 -24.54
N GLY A 190 -9.97 4.51 -24.47
CA GLY A 190 -9.51 3.33 -25.17
C GLY A 190 -8.09 2.98 -24.76
N PHE A 191 -7.79 3.07 -23.46
CA PHE A 191 -6.43 2.89 -22.98
C PHE A 191 -5.94 1.46 -23.15
N ALA A 192 -4.69 1.30 -23.53
CA ALA A 192 -4.08 -0.03 -23.53
C ALA A 192 -2.60 0.14 -23.36
N LEU A 193 -1.93 -0.93 -22.93
CA LEU A 193 -0.51 -0.89 -22.69
C LEU A 193 0.19 -0.58 -23.97
N PRO A 194 1.09 0.37 -23.98
CA PRO A 194 2.00 0.57 -25.08
C PRO A 194 2.74 -0.73 -25.34
N GLU A 195 3.15 -0.96 -26.57
CA GLU A 195 3.79 -2.22 -26.89
C GLU A 195 5.14 -2.33 -26.16
N TRP A 196 5.74 -1.20 -25.76
CA TRP A 196 6.99 -1.21 -24.98
C TRP A 196 6.84 -1.59 -23.47
N VAL A 197 5.60 -1.84 -22.99
CA VAL A 197 5.37 -2.26 -21.59
C VAL A 197 4.77 -3.63 -21.59
N THR A 198 5.44 -4.59 -20.97
CA THR A 198 4.88 -5.94 -20.87
C THR A 198 4.89 -6.45 -19.44
N ALA A 199 4.15 -7.52 -19.23
CA ALA A 199 4.13 -8.30 -17.98
C ALA A 199 5.40 -9.17 -17.96
N ALA A 200 6.46 -8.63 -17.37
CA ALA A 200 7.78 -9.24 -17.45
C ALA A 200 7.99 -10.55 -16.71
N ASN A 201 7.07 -10.90 -15.80
CA ASN A 201 7.11 -12.15 -15.12
C ASN A 201 6.62 -13.36 -15.93
N PHE A 202 6.06 -13.10 -17.10
CA PHE A 202 5.41 -14.13 -17.95
C PHE A 202 6.10 -14.20 -19.34
N ASP A 203 5.95 -15.33 -20.03
CA ASP A 203 6.29 -15.47 -21.47
C ASP A 203 5.07 -15.37 -22.39
N PHE A 226 -5.57 -15.64 -15.50
CA PHE A 226 -5.97 -15.36 -14.10
C PHE A 226 -7.31 -15.98 -13.79
N ALA A 227 -7.49 -16.46 -12.55
CA ALA A 227 -8.75 -17.03 -12.06
C ALA A 227 -9.02 -16.50 -10.66
N PRO A 228 -10.30 -16.33 -10.29
CA PRO A 228 -10.64 -15.82 -8.95
C PRO A 228 -10.10 -16.65 -7.76
N ALA A 229 -9.50 -16.01 -6.78
CA ALA A 229 -8.99 -16.64 -5.58
C ALA A 229 -10.14 -16.95 -4.61
N THR A 230 -10.02 -18.06 -3.88
CA THR A 230 -10.86 -18.42 -2.79
C THR A 230 -10.05 -18.71 -1.53
N TRP A 231 -10.72 -19.02 -0.43
CA TRP A 231 -10.07 -19.41 0.78
C TRP A 231 -9.20 -20.67 0.59
N GLU A 232 -9.60 -21.54 -0.36
CA GLU A 232 -8.79 -22.70 -0.67
CA GLU A 232 -8.83 -22.69 -0.72
C GLU A 232 -7.44 -22.27 -1.26
N SER A 233 -7.46 -21.24 -2.07
CA SER A 233 -6.23 -20.73 -2.67
C SER A 233 -5.31 -20.20 -1.61
N VAL A 234 -5.87 -19.44 -0.66
CA VAL A 234 -5.10 -18.96 0.46
C VAL A 234 -4.39 -20.11 1.20
N GLU A 235 -5.13 -21.19 1.46
CA GLU A 235 -4.57 -22.34 2.14
C GLU A 235 -3.46 -22.96 1.32
N ALA A 236 -3.63 -22.98 0.00
CA ALA A 236 -2.60 -23.58 -0.88
C ALA A 236 -1.33 -22.73 -0.80
N VAL A 237 -1.50 -21.41 -0.76
CA VAL A 237 -0.33 -20.57 -0.58
C VAL A 237 0.33 -20.77 0.73
N ARG A 238 -0.42 -20.75 1.83
CA ARG A 238 0.08 -20.86 3.17
C ARG A 238 0.84 -22.18 3.34
N ALA A 239 0.33 -23.22 2.72
CA ALA A 239 0.99 -24.55 2.85
C ALA A 239 2.27 -24.64 2.06
N HIS A 240 2.48 -23.77 1.09
CA HIS A 240 3.60 -23.87 0.14
C HIS A 240 4.74 -22.90 0.50
N THR A 241 4.58 -22.06 1.51
CA THR A 241 5.65 -21.11 1.83
C THR A 241 5.78 -21.00 3.30
N ASP A 242 6.97 -20.66 3.75
CA ASP A 242 7.15 -20.27 5.13
C ASP A 242 7.08 -18.73 5.26
N LEU A 243 6.96 -17.99 4.15
CA LEU A 243 6.87 -16.54 4.32
C LEU A 243 5.49 -16.15 4.88
N PRO A 244 5.41 -15.01 5.56
CA PRO A 244 4.08 -14.51 5.93
C PRO A 244 3.23 -14.21 4.76
N VAL A 245 1.95 -14.64 4.82
CA VAL A 245 1.00 -14.38 3.80
C VAL A 245 0.09 -13.23 4.31
N VAL A 246 -0.01 -12.23 3.49
CA VAL A 246 -0.75 -10.99 3.85
C VAL A 246 -1.91 -10.84 2.88
N LEU A 247 -3.18 -10.81 3.36
CA LEU A 247 -4.28 -10.76 2.44
C LEU A 247 -4.66 -9.30 2.23
N LYS A 248 -4.55 -8.83 1.00
CA LYS A 248 -4.76 -7.41 0.65
C LYS A 248 -6.11 -7.21 -0.02
N GLY A 249 -6.93 -6.33 0.56
CA GLY A 249 -8.26 -6.04 0.03
C GLY A 249 -9.38 -6.55 0.96
N ILE A 250 -9.13 -6.68 2.25
CA ILE A 250 -10.13 -7.14 3.22
C ILE A 250 -10.87 -5.89 3.70
N LEU A 251 -12.21 -5.96 3.75
CA LEU A 251 -13.01 -4.89 4.34
C LEU A 251 -14.03 -5.37 5.40
N ALA A 252 -14.51 -6.60 5.26
CA ALA A 252 -15.49 -7.11 6.26
C ALA A 252 -14.79 -7.64 7.50
N VAL A 253 -15.34 -7.31 8.66
CA VAL A 253 -14.80 -7.78 9.89
C VAL A 253 -14.66 -9.28 9.95
N GLU A 254 -15.71 -10.01 9.48
CA GLU A 254 -15.58 -11.46 9.51
C GLU A 254 -14.51 -12.01 8.57
N ASP A 255 -14.25 -11.33 7.46
CA ASP A 255 -13.15 -11.72 6.61
C ASP A 255 -11.79 -11.48 7.30
N ALA A 256 -11.65 -10.42 8.08
CA ALA A 256 -10.43 -10.21 8.87
C ALA A 256 -10.22 -11.33 9.85
N ARG A 257 -11.32 -11.70 10.58
CA ARG A 257 -11.17 -12.82 11.51
C ARG A 257 -10.87 -14.09 10.85
N ARG A 258 -11.49 -14.37 9.70
CA ARG A 258 -11.19 -15.58 9.01
C ARG A 258 -9.76 -15.59 8.46
N ALA A 259 -9.24 -14.43 8.06
CA ALA A 259 -7.86 -14.33 7.62
C ALA A 259 -6.91 -14.81 8.73
N VAL A 260 -7.19 -14.43 9.99
CA VAL A 260 -6.35 -14.86 11.08
C VAL A 260 -6.44 -16.36 11.25
N ASP A 261 -7.68 -16.83 11.22
CA ASP A 261 -7.97 -18.29 11.35
C ASP A 261 -7.28 -19.08 10.29
N ALA A 262 -7.18 -18.53 9.10
CA ALA A 262 -6.52 -19.12 7.95
C ALA A 262 -5.01 -19.07 7.98
N GLY A 263 -4.40 -18.46 8.98
CA GLY A 263 -2.96 -18.42 9.13
C GLY A 263 -2.29 -17.24 8.42
N ALA A 264 -3.06 -16.23 8.03
CA ALA A 264 -2.41 -15.01 7.53
C ALA A 264 -1.58 -14.36 8.59
N GLY A 265 -0.45 -13.85 8.17
CA GLY A 265 0.38 -13.03 8.99
C GLY A 265 0.04 -11.56 9.00
N GLY A 266 -0.77 -11.17 8.04
CA GLY A 266 -1.27 -9.80 7.98
C GLY A 266 -2.43 -9.68 7.07
N ILE A 267 -3.09 -8.53 7.14
CA ILE A 267 -4.08 -8.14 6.15
C ILE A 267 -3.84 -6.69 5.76
N VAL A 268 -4.32 -6.30 4.61
CA VAL A 268 -4.37 -4.87 4.22
C VAL A 268 -5.81 -4.51 4.01
N VAL A 269 -6.32 -3.68 4.91
CA VAL A 269 -7.67 -3.21 4.88
C VAL A 269 -7.72 -2.10 3.81
N SER A 270 -8.53 -2.37 2.77
CA SER A 270 -8.37 -1.70 1.51
C SER A 270 -9.53 -1.85 0.58
N ASN A 271 -9.88 -0.80 -0.12
CA ASN A 271 -10.85 -0.88 -1.25
C ASN A 271 -10.13 -0.71 -2.62
N HIS A 272 -8.84 -1.01 -2.59
CA HIS A 272 -8.03 -1.06 -3.84
C HIS A 272 -7.97 0.34 -4.47
N GLY A 273 -7.89 1.34 -3.61
CA GLY A 273 -7.77 2.72 -4.08
C GLY A 273 -8.94 3.19 -4.90
N GLY A 274 -10.12 2.62 -4.61
CA GLY A 274 -11.31 2.96 -5.31
C GLY A 274 -11.42 2.46 -6.72
N ARG A 275 -10.64 1.43 -7.04
CA ARG A 275 -10.55 0.93 -8.39
C ARG A 275 -11.30 -0.38 -8.64
N GLN A 276 -11.86 -0.98 -7.59
CA GLN A 276 -12.51 -2.27 -7.71
C GLN A 276 -14.03 -2.06 -7.57
N LEU A 277 -14.62 -2.43 -6.44
CA LEU A 277 -16.09 -2.12 -6.31
C LEU A 277 -16.30 -0.65 -6.07
N ASP A 278 -17.03 0.04 -6.96
CA ASP A 278 -17.41 1.41 -6.73
C ASP A 278 -18.57 1.44 -5.75
N GLY A 279 -18.36 2.10 -4.64
CA GLY A 279 -19.28 2.00 -3.49
C GLY A 279 -18.78 1.14 -2.36
N ALA A 280 -17.64 0.49 -2.51
CA ALA A 280 -17.00 -0.16 -1.38
C ALA A 280 -16.58 0.89 -0.35
N VAL A 281 -16.87 0.58 0.91
CA VAL A 281 -16.44 1.38 2.04
C VAL A 281 -14.90 1.62 2.01
N PRO A 282 -14.47 2.82 2.41
CA PRO A 282 -13.01 3.00 2.57
C PRO A 282 -12.44 2.12 3.67
N GLY A 283 -11.24 1.61 3.46
CA GLY A 283 -10.59 0.83 4.46
C GLY A 283 -10.44 1.56 5.80
N ILE A 284 -10.12 2.86 5.77
CA ILE A 284 -9.94 3.63 6.98
CA ILE A 284 -9.96 3.66 6.97
C ILE A 284 -11.22 3.64 7.86
N GLU A 285 -12.39 3.51 7.22
CA GLU A 285 -13.64 3.47 7.98
C GLU A 285 -13.88 2.11 8.65
N MET A 286 -13.26 1.05 8.15
CA MET A 286 -13.37 -0.28 8.77
C MET A 286 -12.28 -0.65 9.72
N LEU A 287 -11.17 0.10 9.63
CA LEU A 287 -9.95 -0.23 10.34
C LEU A 287 -10.08 -0.43 11.83
N GLY A 288 -10.76 0.50 12.51
CA GLY A 288 -10.82 0.39 13.97
C GLY A 288 -11.56 -0.90 14.40
N GLU A 289 -12.66 -1.16 13.73
CA GLU A 289 -13.44 -2.36 14.01
CA GLU A 289 -13.47 -2.36 13.99
C GLU A 289 -12.66 -3.64 13.75
N ILE A 290 -11.91 -3.63 12.67
CA ILE A 290 -11.09 -4.79 12.29
C ILE A 290 -9.96 -5.00 13.28
N VAL A 291 -9.30 -3.91 13.66
CA VAL A 291 -8.21 -4.03 14.65
C VAL A 291 -8.73 -4.63 15.95
N ALA A 292 -9.89 -4.19 16.44
CA ALA A 292 -10.45 -4.79 17.61
C ALA A 292 -10.81 -6.26 17.44
N ALA A 293 -11.37 -6.62 16.33
CA ALA A 293 -11.73 -8.02 16.09
C ALA A 293 -10.54 -9.01 15.98
N VAL A 294 -9.42 -8.58 15.39
N VAL A 294 -9.45 -8.51 15.39
CA VAL A 294 -8.31 -9.52 15.30
CA VAL A 294 -8.25 -9.29 15.12
C VAL A 294 -7.51 -9.60 16.59
C VAL A 294 -7.50 -9.61 16.43
N SER A 295 -7.60 -8.54 17.41
N SER A 295 -7.66 -8.73 17.43
CA SER A 295 -7.01 -8.53 18.75
CA SER A 295 -7.06 -8.92 18.76
C SER A 295 -5.60 -9.13 18.76
C SER A 295 -5.58 -9.28 18.70
N GLY A 296 -4.81 -8.55 17.90
CA GLY A 296 -3.37 -8.83 17.82
C GLY A 296 -2.98 -10.10 17.08
N GLY A 297 -3.94 -10.78 16.45
CA GLY A 297 -3.70 -12.05 15.79
C GLY A 297 -2.93 -11.98 14.47
N CYS A 298 -2.87 -10.82 13.86
CA CYS A 298 -2.05 -10.56 12.65
C CYS A 298 -1.80 -9.05 12.58
N GLU A 299 -0.86 -8.67 11.74
CA GLU A 299 -0.61 -7.26 11.44
C GLU A 299 -1.78 -6.75 10.63
N VAL A 300 -2.20 -5.54 10.93
CA VAL A 300 -3.32 -4.91 10.21
C VAL A 300 -2.84 -3.62 9.53
N LEU A 301 -2.62 -3.68 8.22
CA LEU A 301 -2.26 -2.54 7.45
C LEU A 301 -3.50 -1.89 6.81
N VAL A 302 -3.33 -0.68 6.34
CA VAL A 302 -4.41 0.03 5.62
C VAL A 302 -3.86 0.77 4.43
N ASP A 303 -4.67 0.97 3.42
CA ASP A 303 -4.30 1.86 2.32
C ASP A 303 -5.49 2.60 1.79
N GLY A 304 -5.23 3.51 0.87
CA GLY A 304 -6.22 4.31 0.20
C GLY A 304 -6.17 5.73 0.70
N GLY A 305 -5.70 6.63 -0.15
CA GLY A 305 -5.68 8.05 0.15
C GLY A 305 -4.65 8.59 1.08
N ILE A 306 -3.65 7.80 1.51
CA ILE A 306 -2.63 8.31 2.38
C ILE A 306 -1.76 9.34 1.59
N ARG A 307 -1.78 10.59 2.02
CA ARG A 307 -1.15 11.71 1.25
C ARG A 307 -0.23 12.58 2.10
N SER A 308 0.08 12.18 3.33
CA SER A 308 0.96 12.97 4.19
C SER A 308 1.31 12.14 5.41
N GLY A 309 2.32 12.61 6.13
CA GLY A 309 2.66 12.04 7.41
C GLY A 309 1.53 12.15 8.43
N GLY A 310 0.76 13.25 8.38
CA GLY A 310 -0.41 13.39 9.21
C GLY A 310 -1.41 12.24 8.95
N ASP A 311 -1.58 11.88 7.69
CA ASP A 311 -2.50 10.76 7.34
C ASP A 311 -1.97 9.44 7.92
N VAL A 312 -0.65 9.23 7.85
CA VAL A 312 -0.03 8.03 8.44
C VAL A 312 -0.32 8.00 9.94
N LEU A 313 -0.19 9.16 10.59
CA LEU A 313 -0.48 9.24 12.00
C LEU A 313 -1.96 8.89 12.27
N LYS A 314 -2.88 9.42 11.47
CA LYS A 314 -4.31 9.06 11.66
C LYS A 314 -4.50 7.56 11.55
N ALA A 315 -3.93 6.95 10.54
CA ALA A 315 -4.06 5.47 10.35
C ALA A 315 -3.52 4.72 11.54
N THR A 316 -2.36 5.16 12.07
CA THR A 316 -1.76 4.55 13.22
CA THR A 316 -1.80 4.46 13.22
C THR A 316 -2.68 4.67 14.45
N ALA A 317 -3.18 5.88 14.64
CA ALA A 317 -4.06 6.18 15.77
C ALA A 317 -5.34 5.30 15.73
N LEU A 318 -5.77 4.97 14.53
CA LEU A 318 -6.94 4.06 14.35
C LEU A 318 -6.57 2.59 14.50
N GLY A 319 -5.29 2.26 14.66
CA GLY A 319 -4.80 0.94 15.00
C GLY A 319 -3.95 0.26 13.96
N ALA A 320 -3.70 0.90 12.83
CA ALA A 320 -2.86 0.29 11.77
C ALA A 320 -1.44 0.03 12.23
N SER A 321 -0.90 -1.10 11.82
CA SER A 321 0.51 -1.45 11.99
C SER A 321 1.37 -0.60 11.05
N ALA A 322 0.86 -0.33 9.85
CA ALA A 322 1.54 0.40 8.81
C ALA A 322 0.56 0.69 7.72
N VAL A 323 0.97 1.53 6.79
CA VAL A 323 0.16 1.88 5.64
C VAL A 323 0.82 1.44 4.34
N LEU A 324 0.07 1.34 3.30
CA LEU A 324 0.63 1.32 1.94
C LEU A 324 0.35 2.66 1.27
N VAL A 325 1.24 3.10 0.40
CA VAL A 325 1.06 4.31 -0.40
C VAL A 325 1.24 3.95 -1.88
N GLY A 326 0.25 4.27 -2.71
CA GLY A 326 0.25 3.92 -4.11
C GLY A 326 0.50 5.08 -5.02
N ARG A 327 -0.56 5.79 -5.38
CA ARG A 327 -0.46 6.89 -6.38
C ARG A 327 0.69 7.89 -6.15
N PRO A 328 0.91 8.36 -4.91
CA PRO A 328 1.96 9.38 -4.70
C PRO A 328 3.34 8.88 -5.12
N VAL A 329 3.61 7.60 -4.92
CA VAL A 329 4.91 7.01 -5.30
C VAL A 329 5.06 7.12 -6.83
N MET A 330 3.99 6.86 -7.55
CA MET A 330 4.01 6.91 -8.99
C MET A 330 4.08 8.33 -9.49
N TRP A 331 3.47 9.29 -8.79
CA TRP A 331 3.63 10.69 -9.18
C TRP A 331 5.13 11.07 -9.09
N ALA A 332 5.81 10.65 -8.03
CA ALA A 332 7.21 11.05 -7.82
C ALA A 332 8.05 10.37 -8.91
N LEU A 333 7.77 9.10 -9.18
CA LEU A 333 8.43 8.35 -10.25
C LEU A 333 8.27 9.07 -11.59
N ALA A 334 7.05 9.48 -11.94
CA ALA A 334 6.77 10.15 -13.19
C ALA A 334 7.52 11.49 -13.24
N ALA A 335 7.53 12.20 -12.13
CA ALA A 335 8.09 13.52 -12.11
C ALA A 335 9.62 13.51 -12.22
N ALA A 336 10.29 12.58 -11.56
CA ALA A 336 11.75 12.67 -11.45
C ALA A 336 12.49 11.36 -11.23
N GLY A 337 11.86 10.26 -11.59
CA GLY A 337 12.48 8.97 -11.56
C GLY A 337 12.91 8.57 -10.19
N GLN A 338 14.02 7.86 -10.08
CA GLN A 338 14.49 7.45 -8.76
C GLN A 338 14.64 8.61 -7.77
N ASP A 339 15.24 9.73 -8.21
CA ASP A 339 15.46 10.84 -7.31
CA ASP A 339 15.48 10.79 -7.25
C ASP A 339 14.13 11.40 -6.80
N GLY A 340 13.13 11.42 -7.68
CA GLY A 340 11.75 11.82 -7.32
C GLY A 340 11.19 10.97 -6.17
N VAL A 341 11.29 9.65 -6.30
CA VAL A 341 10.80 8.77 -5.28
C VAL A 341 11.59 8.96 -4.01
N ARG A 342 12.92 9.13 -4.10
CA ARG A 342 13.72 9.41 -2.91
C ARG A 342 13.21 10.66 -2.20
N GLN A 343 12.94 11.72 -2.95
CA GLN A 343 12.49 12.96 -2.34
C GLN A 343 11.11 12.81 -1.68
N LEU A 344 10.25 12.08 -2.37
CA LEU A 344 8.93 11.77 -1.77
C LEU A 344 9.09 11.06 -0.43
N LEU A 345 9.92 10.01 -0.36
CA LEU A 345 10.10 9.23 0.85
C LEU A 345 10.73 10.04 1.95
N GLU A 346 11.67 10.94 1.65
N GLU A 346 11.65 10.92 1.55
CA GLU A 346 12.21 11.75 2.74
CA GLU A 346 12.28 11.84 2.46
C GLU A 346 11.20 12.83 3.18
C GLU A 346 11.23 12.77 3.11
N LEU A 347 10.37 13.32 2.28
CA LEU A 347 9.30 14.24 2.66
C LEU A 347 8.32 13.51 3.61
N LEU A 348 7.92 12.31 3.20
CA LEU A 348 7.02 11.52 4.09
CA LEU A 348 7.04 11.52 4.06
C LEU A 348 7.66 11.20 5.39
N ALA A 349 8.94 10.80 5.41
CA ALA A 349 9.65 10.54 6.62
C ALA A 349 9.66 11.76 7.56
N GLU A 350 9.92 12.93 7.00
CA GLU A 350 9.95 14.12 7.83
C GLU A 350 8.53 14.41 8.35
N GLU A 351 7.53 14.25 7.51
CA GLU A 351 6.13 14.56 7.94
C GLU A 351 5.70 13.59 9.05
N VAL A 352 6.08 12.31 8.92
CA VAL A 352 5.72 11.31 9.95
C VAL A 352 6.38 11.64 11.29
N ARG A 353 7.70 11.92 11.27
N ARG A 353 7.70 11.93 11.28
CA ARG A 353 8.37 12.32 12.48
CA ARG A 353 8.37 12.29 12.49
C ARG A 353 7.76 13.57 13.11
C ARG A 353 7.78 13.57 13.11
N ASP A 354 7.50 14.56 12.29
CA ASP A 354 6.92 15.86 12.74
C ASP A 354 5.57 15.57 13.43
N ALA A 355 4.72 14.86 12.73
CA ALA A 355 3.36 14.55 13.28
C ALA A 355 3.42 13.76 14.55
N MET A 356 4.26 12.72 14.58
CA MET A 356 4.41 11.93 15.80
C MET A 356 4.82 12.76 17.01
N GLY A 357 5.87 13.56 16.86
CA GLY A 357 6.32 14.32 17.96
C GLY A 357 5.38 15.39 18.37
N LEU A 358 4.75 16.08 17.43
CA LEU A 358 3.71 17.04 17.80
C LEU A 358 2.58 16.43 18.57
N ALA A 359 2.33 15.13 18.30
CA ALA A 359 1.30 14.36 19.02
C ALA A 359 1.76 13.65 20.31
N GLY A 360 3.02 13.85 20.70
CA GLY A 360 3.57 13.33 21.89
C GLY A 360 3.95 11.83 21.82
N CYS A 361 4.28 11.35 20.65
CA CYS A 361 4.60 9.96 20.46
C CYS A 361 6.07 9.75 20.11
N GLU A 362 6.77 9.04 20.97
CA GLU A 362 8.16 8.75 20.73
C GLU A 362 8.34 7.49 19.90
N SER A 363 7.27 6.73 19.70
CA SER A 363 7.30 5.53 18.93
C SER A 363 5.98 5.31 18.24
N VAL A 364 6.00 4.49 17.22
CA VAL A 364 4.78 4.13 16.54
C VAL A 364 3.75 3.42 17.48
N GLY A 365 4.23 2.58 18.39
CA GLY A 365 3.34 2.00 19.39
C GLY A 365 2.58 3.04 20.14
N ALA A 366 3.26 4.10 20.58
CA ALA A 366 2.57 5.18 21.28
C ALA A 366 1.51 5.86 20.39
N ALA A 367 1.85 6.03 19.10
CA ALA A 367 0.90 6.59 18.15
C ALA A 367 -0.37 5.72 18.03
N ARG A 368 -0.20 4.41 18.14
CA ARG A 368 -1.37 3.53 18.09
C ARG A 368 -2.30 3.73 19.27
N ARG A 369 -1.79 4.23 20.39
CA ARG A 369 -2.57 4.48 21.57
C ARG A 369 -3.23 5.88 21.60
N LEU A 370 -2.97 6.67 20.59
CA LEU A 370 -3.68 7.96 20.47
C LEU A 370 -5.14 7.74 20.23
N ASN A 371 -5.96 8.61 20.79
CA ASN A 371 -7.38 8.68 20.45
C ASN A 371 -7.69 9.67 19.32
N THR A 372 -8.84 9.49 18.71
CA THR A 372 -9.29 10.27 17.59
C THR A 372 -10.70 10.73 17.82
N LYS A 373 -11.11 11.74 17.04
CA LYS A 373 -12.50 12.23 17.09
CA LYS A 373 -12.50 12.24 17.09
C LYS A 373 -12.92 12.50 15.67
N LEU A 374 -14.13 12.08 15.31
CA LEU A 374 -14.65 12.38 13.99
C LEU A 374 -15.23 13.77 13.96
N GLY A 375 -14.91 14.49 12.89
CA GLY A 375 -15.29 15.87 12.74
C GLY A 375 -16.20 15.94 11.54
N VAL A 376 -16.62 17.15 11.21
CA VAL A 376 -17.21 17.41 9.91
C VAL A 376 -16.23 18.33 9.18
N VAL A 377 -16.30 18.20 7.86
CA VAL A 377 -15.49 18.97 6.96
C VAL A 377 -16.59 19.55 6.05
#